data_3U6L
#
_entry.id   3U6L
#
_cell.length_a   45.188
_cell.length_b   93.541
_cell.length_c   104.650
_cell.angle_alpha   90.00
_cell.angle_beta   90.00
_cell.angle_gamma   90.00
#
_symmetry.space_group_name_H-M   'P 21 21 21'
#
loop_
_entity.id
_entity.type
_entity.pdbx_description
1 polymer 'Formamidopyrimidine-DNA glycosylase'
2 polymer "DNA (5'-D(*AP*GP*GP*TP*AP*GP*AP*CP*CP*GP*GP*AP*CP*GP*C)-3')"
3 polymer "DNA (5'-D(*TP*GP*CP*GP*TP*CP*CP*(8OG)P*GP*TP*(CX2)P*TP*AP*CP*C)-3')"
4 non-polymer 'ZINC ION'
5 water water
#
loop_
_entity_poly.entity_id
_entity_poly.type
_entity_poly.pdbx_seq_one_letter_code
_entity_poly.pdbx_strand_id
1 'polypeptide(L)'
;PQLPEVETIRRTLLPLIVGKTIEDVRIFWPNIIRHPRDSEAFAARMIGQTVRGLERRGKFLKFLLDRDALISHLRMEGRY
AVASALEPLEPHTHVVFCFTDGSELRYRDVRKFGTMHVYAKEEADRRPPLAELGPEPLSPAFSPAVLAERAVKTKRSVKA
LLLDCTVVAGFGNIYVDESLFRAGILPGRPAASLSSKEIERLHEEMVATIGEAVMKGGSTPRTYVNTQGEAGTFQHHLYV
YGRQGNPCKRCGTPIEKTVVAGRGTHYCPRCQR
;
A
2 'polydeoxyribonucleotide' (DA)(DG)(DG)(DT)(DA)(DG)(DA)(DC)(DC)(DG)(DG)(DG)(DA)(DC)(DG)(DC) B
3 'polydeoxyribonucleotide' (DT)(DG)(DC)(DG)(DT)(DC)(DC)(DC)(8OG)(DG)(DT)(CX2)(DT)(DA)(DC)(DC) C
#
loop_
_chem_comp.id
_chem_comp.type
_chem_comp.name
_chem_comp.formula
8OG DNA linking 8-OXO-2'-DEOXY-GUANOSINE-5'-MONOPHOSPHATE 'C10 H14 N5 O8 P'
CX2 DNA linking 2'-deoxy-5'-O-{(R)-hydroxy[(2-sulfanylethyl)amino]phosphoryl}cytidine 'C11 H19 N4 O6 P S'
DA DNA linking 2'-DEOXYADENOSINE-5'-MONOPHOSPHATE 'C10 H14 N5 O6 P'
DC DNA linking 2'-DEOXYCYTIDINE-5'-MONOPHOSPHATE 'C9 H14 N3 O7 P'
DG DNA linking 2'-DEOXYGUANOSINE-5'-MONOPHOSPHATE 'C10 H14 N5 O7 P'
DT DNA linking THYMIDINE-5'-MONOPHOSPHATE 'C10 H15 N2 O8 P'
ZN non-polymer 'ZINC ION' 'Zn 2'
#
# COMPACT_ATOMS: atom_id res chain seq x y z
N PRO A 1 -2.18 -2.61 6.46
CA PRO A 1 -3.24 -2.86 5.49
C PRO A 1 -2.69 -3.08 4.09
N GLN A 2 -3.24 -4.04 3.36
CA GLN A 2 -2.85 -4.29 1.98
C GLN A 2 -3.61 -3.34 1.06
N LEU A 3 -3.22 -3.29 -0.22
CA LEU A 3 -3.81 -2.35 -1.16
C LEU A 3 -5.34 -2.33 -1.17
N PRO A 4 -5.98 -3.52 -1.23
CA PRO A 4 -7.45 -3.54 -1.26
C PRO A 4 -8.03 -2.96 0.02
N GLU A 5 -7.38 -3.20 1.14
CA GLU A 5 -7.84 -2.67 2.41
C GLU A 5 -7.70 -1.14 2.42
N VAL A 6 -6.60 -0.65 1.86
CA VAL A 6 -6.39 0.79 1.74
C VAL A 6 -7.46 1.44 0.86
N GLU A 7 -7.85 0.76 -0.21
CA GLU A 7 -8.93 1.27 -1.05
C GLU A 7 -10.25 1.35 -0.27
N THR A 8 -10.49 0.37 0.58
CA THR A 8 -11.70 0.38 1.42
C THR A 8 -11.64 1.55 2.40
N ILE A 9 -10.49 1.77 3.02
CA ILE A 9 -10.29 2.91 3.90
C ILE A 9 -10.57 4.22 3.15
N ARG A 10 -10.02 4.34 1.96
CA ARG A 10 -10.23 5.53 1.14
C ARG A 10 -11.72 5.80 0.94
N ARG A 11 -12.44 4.76 0.56
CA ARG A 11 -13.86 4.89 0.23
C ARG A 11 -14.69 5.27 1.45
N THR A 12 -14.39 4.65 2.58
CA THR A 12 -15.23 4.83 3.77
C THR A 12 -14.84 6.09 4.55
N LEU A 13 -13.58 6.46 4.49
CA LEU A 13 -13.10 7.63 5.23
C LEU A 13 -13.56 8.95 4.60
N LEU A 14 -13.56 9.01 3.26
CA LEU A 14 -13.85 10.26 2.56
C LEU A 14 -15.12 11.00 3.04
N PRO A 15 -16.27 10.30 3.09
CA PRO A 15 -17.49 11.01 3.50
C PRO A 15 -17.44 11.47 4.96
N LEU A 16 -16.59 10.84 5.76
CA LEU A 16 -16.48 11.20 7.17
C LEU A 16 -15.65 12.46 7.39
N ILE A 17 -14.89 12.87 6.37
CA ILE A 17 -14.02 14.04 6.53
C ILE A 17 -14.19 15.14 5.48
N VAL A 18 -14.78 14.80 4.33
CA VAL A 18 -14.88 15.80 3.25
C VAL A 18 -15.64 17.04 3.71
N GLY A 19 -15.13 18.21 3.33
CA GLY A 19 -15.78 19.46 3.69
C GLY A 19 -15.45 19.97 5.08
N LYS A 20 -14.73 19.18 5.87
CA LYS A 20 -14.32 19.63 7.20
C LYS A 20 -13.06 20.49 7.14
N THR A 21 -12.98 21.48 8.02
CA THR A 21 -11.86 22.40 8.02
C THR A 21 -10.96 22.11 9.21
N ILE A 22 -9.66 22.01 8.98
CA ILE A 22 -8.72 21.74 10.06
C ILE A 22 -8.50 22.95 10.95
N GLU A 23 -8.63 22.74 12.26
CA GLU A 23 -8.43 23.82 13.20
C GLU A 23 -7.15 23.61 13.98
N ASP A 24 -6.72 22.36 14.09
CA ASP A 24 -5.49 22.06 14.81
C ASP A 24 -4.91 20.73 14.33
N VAL A 25 -3.60 20.56 14.49
CA VAL A 25 -2.95 19.29 14.21
C VAL A 25 -2.02 18.95 15.37
N ARG A 26 -2.26 17.81 16.02
CA ARG A 26 -1.48 17.43 17.20
C ARG A 26 -0.62 16.22 16.88
N ILE A 27 0.66 16.29 17.25
CA ILE A 27 1.62 15.26 16.88
C ILE A 27 2.30 14.73 18.14
N PHE A 28 2.22 13.42 18.34
CA PHE A 28 2.74 12.80 19.55
C PHE A 28 3.97 11.94 19.27
N TRP A 29 4.20 11.65 17.99
CA TRP A 29 5.44 11.01 17.56
C TRP A 29 5.90 11.67 16.27
N PRO A 30 6.76 12.68 16.40
CA PRO A 30 7.17 13.53 15.27
C PRO A 30 7.81 12.74 14.13
N ASN A 31 8.45 11.62 14.45
CA ASN A 31 9.14 10.83 13.43
C ASN A 31 8.25 10.34 12.30
N ILE A 32 6.95 10.26 12.55
CA ILE A 32 5.97 9.92 11.52
C ILE A 32 6.01 10.96 10.40
N ILE A 33 6.21 12.22 10.78
CA ILE A 33 6.24 13.33 9.83
C ILE A 33 7.55 13.32 9.05
N ARG A 34 7.47 13.12 7.73
CA ARG A 34 8.67 13.08 6.91
C ARG A 34 8.88 14.34 6.06
N HIS A 35 7.79 15.03 5.74
CA HIS A 35 7.88 16.34 5.08
C HIS A 35 6.66 17.20 5.33
N PRO A 36 6.88 18.49 5.66
CA PRO A 36 8.17 19.12 5.96
C PRO A 36 8.90 18.35 7.05
N ARG A 37 10.23 18.43 7.10
CA ARG A 37 11.02 17.71 8.09
C ARG A 37 10.63 18.12 9.52
N ASP A 38 10.32 19.39 9.68
CA ASP A 38 9.88 19.93 10.97
C ASP A 38 8.38 19.69 11.19
N SER A 39 8.05 18.86 12.17
CA SER A 39 6.65 18.53 12.43
C SER A 39 5.82 19.77 12.79
N GLU A 40 6.47 20.81 13.29
CA GLU A 40 5.76 22.04 13.61
C GLU A 40 5.30 22.79 12.35
N ALA A 41 6.10 22.69 11.28
CA ALA A 41 5.73 23.31 10.01
C ALA A 41 4.59 22.49 9.38
N PHE A 42 4.70 21.17 9.49
CA PHE A 42 3.65 20.26 9.04
C PHE A 42 2.31 20.65 9.65
N ALA A 43 2.28 20.76 10.97
CA ALA A 43 1.04 21.12 11.67
C ALA A 43 0.53 22.51 11.27
N ALA A 44 1.42 23.50 11.26
CA ALA A 44 1.02 24.88 10.97
C ALA A 44 0.38 25.08 9.60
N ARG A 45 0.93 24.42 8.59
CA ARG A 45 0.47 24.68 7.23
C ARG A 45 -0.91 24.09 6.93
N MET A 46 -1.26 23.03 7.65
CA MET A 46 -2.55 22.38 7.40
CA MET A 46 -2.55 22.36 7.46
C MET A 46 -3.71 23.13 8.07
N ILE A 47 -3.42 23.86 9.13
CA ILE A 47 -4.48 24.60 9.82
C ILE A 47 -5.18 25.59 8.88
N GLY A 48 -6.51 25.56 8.88
CA GLY A 48 -7.27 26.47 8.04
C GLY A 48 -7.68 25.86 6.71
N GLN A 49 -7.09 24.73 6.37
CA GLN A 49 -7.43 24.07 5.12
C GLN A 49 -8.62 23.15 5.29
N THR A 50 -9.43 23.05 4.25
CA THR A 50 -10.58 22.16 4.23
C THR A 50 -10.26 20.91 3.42
N VAL A 51 -10.74 19.76 3.89
CA VAL A 51 -10.57 18.51 3.16
C VAL A 51 -11.50 18.50 1.94
N ARG A 52 -10.91 18.33 0.76
CA ARG A 52 -11.68 18.38 -0.47
C ARG A 52 -11.84 17.01 -1.13
N GLY A 53 -10.93 16.10 -0.84
CA GLY A 53 -10.99 14.78 -1.46
C GLY A 53 -10.02 13.80 -0.87
N LEU A 54 -10.09 12.55 -1.30
CA LEU A 54 -9.19 11.51 -0.81
C LEU A 54 -8.97 10.48 -1.90
N GLU A 55 -7.72 10.36 -2.34
CA GLU A 55 -7.37 9.43 -3.41
C GLU A 55 -6.37 8.39 -2.89
N ARG A 56 -6.15 7.34 -3.68
CA ARG A 56 -5.18 6.31 -3.30
C ARG A 56 -4.21 6.08 -4.44
N ARG A 57 -2.93 5.93 -4.10
CA ARG A 57 -1.90 5.50 -5.04
C ARG A 57 -1.09 4.39 -4.39
N GLY A 58 -1.13 3.20 -4.98
CA GLY A 58 -0.52 2.05 -4.33
C GLY A 58 -1.16 1.85 -2.97
N LYS A 59 -0.34 1.76 -1.92
CA LYS A 59 -0.89 1.68 -0.56
C LYS A 59 -0.93 3.07 0.10
N PHE A 60 -0.57 4.10 -0.65
CA PHE A 60 -0.62 5.47 -0.15
C PHE A 60 -2.01 6.08 -0.23
N LEU A 61 -2.40 6.77 0.83
CA LEU A 61 -3.59 7.61 0.81
C LEU A 61 -3.16 9.05 0.54
N LYS A 62 -3.86 9.71 -0.37
CA LYS A 62 -3.59 11.11 -0.67
C LYS A 62 -4.79 11.99 -0.28
N PHE A 63 -4.67 12.67 0.84
CA PHE A 63 -5.70 13.60 1.28
C PHE A 63 -5.54 14.91 0.54
N LEU A 64 -6.58 15.33 -0.18
CA LEU A 64 -6.53 16.59 -0.92
C LEU A 64 -7.20 17.70 -0.13
N LEU A 65 -6.44 18.75 0.18
CA LEU A 65 -6.97 19.89 0.92
C LEU A 65 -7.13 21.09 -0.02
N ASP A 66 -7.09 22.30 0.52
CA ASP A 66 -7.23 23.50 -0.31
C ASP A 66 -5.99 23.72 -1.17
N ARG A 67 -4.84 23.85 -0.51
CA ARG A 67 -3.58 24.11 -1.19
C ARG A 67 -2.71 22.87 -1.23
N ASP A 68 -2.74 22.09 -0.15
CA ASP A 68 -1.82 20.97 0.02
C ASP A 68 -2.44 19.59 -0.20
N ALA A 69 -1.56 18.62 -0.38
CA ALA A 69 -1.93 17.20 -0.33
C ALA A 69 -1.18 16.57 0.82
N LEU A 70 -1.87 15.73 1.59
CA LEU A 70 -1.23 14.94 2.64
C LEU A 70 -1.10 13.51 2.14
N ILE A 71 0.13 13.01 2.04
CA ILE A 71 0.40 11.65 1.59
C ILE A 71 0.70 10.76 2.79
N SER A 72 -0.11 9.73 2.99
CA SER A 72 -0.02 8.90 4.19
C SER A 72 0.19 7.40 3.86
N HIS A 73 1.12 6.76 4.55
CA HIS A 73 1.29 5.30 4.45
C HIS A 73 1.12 4.65 5.83
N LEU A 74 0.21 3.70 5.93
CA LEU A 74 -0.10 3.07 7.21
C LEU A 74 0.82 1.88 7.54
N ARG A 75 1.65 1.48 6.59
CA ARG A 75 2.41 0.24 6.72
C ARG A 75 1.46 -0.89 7.12
N MET A 76 1.90 -1.77 8.01
CA MET A 76 1.14 -2.99 8.31
C MET A 76 0.01 -2.83 9.34
N GLU A 77 0.20 -1.95 10.31
CA GLU A 77 -0.75 -1.86 11.42
C GLU A 77 -1.34 -0.46 11.70
N GLY A 78 -1.00 0.52 10.86
CA GLY A 78 -1.56 1.85 10.99
C GLY A 78 -3.06 1.84 10.75
N ARG A 79 -3.78 2.73 11.43
CA ARG A 79 -5.23 2.82 11.30
C ARG A 79 -5.70 4.27 11.43
N TYR A 80 -6.73 4.64 10.65
CA TYR A 80 -7.40 5.93 10.80
C TYR A 80 -8.78 5.76 11.43
N ALA A 81 -9.17 6.71 12.27
CA ALA A 81 -10.51 6.73 12.84
C ALA A 81 -11.00 8.17 12.91
N VAL A 82 -12.32 8.34 12.77
CA VAL A 82 -12.93 9.66 12.94
C VAL A 82 -13.78 9.62 14.19
N ALA A 83 -13.53 10.53 15.12
CA ALA A 83 -14.25 10.48 16.40
C ALA A 83 -14.29 11.83 17.09
N SER A 84 -15.02 11.91 18.19
CA SER A 84 -15.23 13.17 18.89
C SER A 84 -13.98 13.60 19.65
N ALA A 85 -13.70 14.90 19.62
CA ALA A 85 -12.63 15.48 20.42
C ALA A 85 -12.90 15.36 21.91
N LEU A 86 -14.13 15.00 22.28
CA LEU A 86 -14.49 14.93 23.69
C LEU A 86 -14.12 13.59 24.35
N GLU A 87 -13.84 12.59 23.52
CA GLU A 87 -13.56 11.23 24.01
C GLU A 87 -12.06 10.96 24.07
N PRO A 88 -11.63 10.08 25.01
CA PRO A 88 -10.21 9.76 25.14
C PRO A 88 -9.65 9.08 23.90
N LEU A 89 -8.42 9.42 23.53
CA LEU A 89 -7.73 8.79 22.41
C LEU A 89 -7.49 7.30 22.68
N GLU A 90 -7.47 6.51 21.61
CA GLU A 90 -7.10 5.11 21.70
C GLU A 90 -5.58 5.02 21.91
N PRO A 91 -5.12 3.88 22.44
CA PRO A 91 -3.67 3.69 22.64
C PRO A 91 -2.91 3.79 21.33
N HIS A 92 -1.66 4.25 21.39
CA HIS A 92 -0.80 4.33 20.22
C HIS A 92 -1.29 5.31 19.15
N THR A 93 -1.96 6.38 19.58
CA THR A 93 -2.38 7.44 18.68
C THR A 93 -1.24 8.45 18.52
N HIS A 94 -0.76 8.64 17.29
CA HIS A 94 0.45 9.41 17.06
C HIS A 94 0.22 10.77 16.41
N VAL A 95 -0.85 10.88 15.63
CA VAL A 95 -1.18 12.14 14.96
C VAL A 95 -2.69 12.33 14.97
N VAL A 96 -3.14 13.53 15.29
CA VAL A 96 -4.58 13.84 15.26
C VAL A 96 -4.87 15.13 14.51
N PHE A 97 -5.78 15.08 13.55
CA PHE A 97 -6.24 16.29 12.87
C PHE A 97 -7.58 16.71 13.46
N CYS A 98 -7.61 17.90 14.06
CA CYS A 98 -8.83 18.39 14.72
C CYS A 98 -9.59 19.30 13.79
N PHE A 99 -10.87 19.02 13.59
CA PHE A 99 -11.72 19.82 12.70
C PHE A 99 -12.55 20.83 13.49
N THR A 100 -13.02 21.87 12.80
CA THR A 100 -13.78 22.95 13.45
C THR A 100 -15.13 22.50 14.00
N ASP A 101 -15.58 21.31 13.60
CA ASP A 101 -16.86 20.80 14.06
C ASP A 101 -16.75 19.91 15.29
N GLY A 102 -15.56 19.85 15.89
CA GLY A 102 -15.38 19.08 17.11
C GLY A 102 -15.07 17.61 16.88
N SER A 103 -14.96 17.22 15.61
CA SER A 103 -14.54 15.86 15.30
C SER A 103 -13.04 15.85 14.99
N GLU A 104 -12.46 14.65 14.95
CA GLU A 104 -11.03 14.49 14.71
C GLU A 104 -10.77 13.32 13.78
N LEU A 105 -9.73 13.46 12.97
CA LEU A 105 -9.19 12.32 12.23
C LEU A 105 -7.95 11.86 12.98
N ARG A 106 -7.95 10.63 13.45
CA ARG A 106 -6.85 10.15 14.27
C ARG A 106 -6.06 9.04 13.59
N TYR A 107 -4.73 9.12 13.70
CA TYR A 107 -3.86 8.07 13.18
C TYR A 107 -3.21 7.30 14.32
N ARG A 108 -3.44 5.98 14.35
N ARG A 108 -3.41 5.98 14.35
CA ARG A 108 -2.85 5.10 15.34
CA ARG A 108 -2.82 5.15 15.40
C ARG A 108 -1.88 4.16 14.66
C ARG A 108 -2.11 3.92 14.83
N ASP A 109 -0.99 3.56 15.44
CA ASP A 109 -0.10 2.52 14.91
C ASP A 109 0.76 1.93 16.03
N VAL A 110 0.42 0.73 16.49
CA VAL A 110 1.22 0.10 17.54
C VAL A 110 2.69 -0.04 17.14
N ARG A 111 2.94 -0.21 15.84
CA ARG A 111 4.30 -0.39 15.34
C ARG A 111 5.00 0.94 15.11
N LYS A 112 4.22 2.02 15.16
CA LYS A 112 4.78 3.37 15.04
C LYS A 112 5.64 3.46 13.77
N PHE A 113 5.13 2.88 12.68
CA PHE A 113 5.97 2.60 11.52
C PHE A 113 5.54 3.39 10.27
N GLY A 114 4.36 4.02 10.31
CA GLY A 114 3.84 4.73 9.15
C GLY A 114 4.50 6.06 8.86
N THR A 115 4.13 6.69 7.75
CA THR A 115 4.74 7.96 7.34
C THR A 115 3.71 8.98 6.85
N MET A 116 4.04 10.26 6.99
CA MET A 116 3.23 11.34 6.41
C MET A 116 4.11 12.39 5.73
N HIS A 117 3.70 12.79 4.51
CA HIS A 117 4.36 13.87 3.77
C HIS A 117 3.30 14.90 3.32
N VAL A 118 3.60 16.18 3.47
CA VAL A 118 2.71 17.23 2.95
C VAL A 118 3.46 18.12 1.94
N TYR A 119 2.86 18.30 0.77
CA TYR A 119 3.37 19.22 -0.25
C TYR A 119 2.20 19.96 -0.87
N ALA A 120 2.48 21.11 -1.50
CA ALA A 120 1.49 21.73 -2.37
C ALA A 120 0.97 20.66 -3.32
N LYS A 121 -0.34 20.64 -3.55
CA LYS A 121 -0.96 19.62 -4.40
C LYS A 121 -0.22 19.39 -5.71
N GLU A 122 0.14 20.48 -6.38
CA GLU A 122 0.75 20.38 -7.70
C GLU A 122 2.13 19.72 -7.67
N GLU A 123 2.70 19.58 -6.48
CA GLU A 123 4.05 19.02 -6.32
C GLU A 123 4.05 17.57 -5.86
N ALA A 124 2.96 17.14 -5.24
CA ALA A 124 2.94 15.85 -4.54
C ALA A 124 3.41 14.70 -5.42
N ASP A 125 2.95 14.68 -6.66
CA ASP A 125 3.23 13.58 -7.56
C ASP A 125 4.68 13.48 -8.01
N ARG A 126 5.44 14.57 -7.87
CA ARG A 126 6.84 14.55 -8.29
CA ARG A 126 6.85 14.53 -8.29
C ARG A 126 7.82 14.55 -7.10
N ARG A 127 7.28 14.31 -5.91
CA ARG A 127 8.10 14.27 -4.70
C ARG A 127 7.95 12.91 -4.04
N PRO A 128 8.91 12.56 -3.18
CA PRO A 128 8.71 11.34 -2.37
C PRO A 128 7.47 11.53 -1.50
N PRO A 129 6.75 10.45 -1.20
CA PRO A 129 7.08 9.08 -1.61
C PRO A 129 6.36 8.64 -2.88
N LEU A 130 5.66 9.55 -3.56
CA LEU A 130 4.91 9.18 -4.76
C LEU A 130 5.76 9.19 -6.01
N ALA A 131 6.82 9.98 -6.01
CA ALA A 131 7.75 10.02 -7.14
C ALA A 131 8.24 8.61 -7.44
N GLU A 132 8.21 8.25 -8.72
CA GLU A 132 8.78 6.97 -9.18
C GLU A 132 7.85 5.77 -8.96
N LEU A 133 6.75 5.98 -8.24
CA LEU A 133 5.79 4.90 -8.00
C LEU A 133 5.25 4.34 -9.32
N GLY A 134 5.24 3.02 -9.43
CA GLY A 134 4.76 2.37 -10.64
C GLY A 134 3.27 2.52 -10.84
N PRO A 135 2.75 1.98 -11.96
CA PRO A 135 1.33 2.10 -12.30
C PRO A 135 0.44 1.31 -11.36
N GLU A 136 -0.82 1.73 -11.23
CA GLU A 136 -1.79 0.97 -10.47
C GLU A 136 -1.94 -0.41 -11.11
N PRO A 137 -1.97 -1.46 -10.29
CA PRO A 137 -2.06 -2.81 -10.86
C PRO A 137 -3.38 -3.05 -11.59
N LEU A 138 -4.41 -2.29 -11.23
CA LEU A 138 -5.71 -2.44 -11.90
C LEU A 138 -5.90 -1.46 -13.06
N SER A 139 -4.86 -0.71 -13.41
CA SER A 139 -4.95 0.23 -14.51
C SER A 139 -4.34 -0.34 -15.79
N PRO A 140 -4.85 0.10 -16.95
CA PRO A 140 -4.29 -0.27 -18.25
C PRO A 140 -2.81 0.07 -18.33
N ALA A 141 -2.37 1.05 -17.55
CA ALA A 141 -0.97 1.43 -17.50
C ALA A 141 -0.08 0.28 -17.03
N PHE A 142 -0.66 -0.65 -16.28
CA PHE A 142 0.04 -1.87 -15.91
C PHE A 142 -0.39 -2.99 -16.84
N SER A 143 0.46 -3.27 -17.83
CA SER A 143 0.13 -4.24 -18.86
C SER A 143 1.17 -5.34 -18.95
N PRO A 144 0.82 -6.47 -19.57
CA PRO A 144 1.81 -7.52 -19.81
C PRO A 144 3.06 -6.94 -20.47
N ALA A 145 2.87 -6.01 -21.40
CA ALA A 145 3.99 -5.37 -22.10
C ALA A 145 4.93 -4.68 -21.11
N VAL A 146 4.37 -3.85 -20.24
CA VAL A 146 5.16 -3.16 -19.24
C VAL A 146 5.90 -4.13 -18.35
N LEU A 147 5.22 -5.19 -17.95
CA LEU A 147 5.82 -6.20 -17.08
C LEU A 147 6.96 -6.93 -17.77
N ALA A 148 6.74 -7.31 -19.03
CA ALA A 148 7.76 -8.01 -19.80
C ALA A 148 9.02 -7.14 -19.97
N GLU A 149 8.81 -5.84 -20.16
CA GLU A 149 9.90 -4.90 -20.34
C GLU A 149 10.83 -4.89 -19.12
N ARG A 150 10.23 -4.87 -17.93
CA ARG A 150 10.99 -4.82 -16.69
C ARG A 150 11.65 -6.16 -16.37
N ALA A 151 10.97 -7.25 -16.71
CA ALA A 151 11.48 -8.58 -16.43
C ALA A 151 12.80 -8.86 -17.15
N VAL A 152 12.86 -8.52 -18.43
CA VAL A 152 14.05 -8.80 -19.23
C VAL A 152 15.25 -7.96 -18.80
N LYS A 153 14.99 -6.74 -18.37
CA LYS A 153 16.06 -5.80 -18.02
C LYS A 153 16.82 -6.18 -16.76
N THR A 154 16.27 -7.11 -15.99
CA THR A 154 16.84 -7.41 -14.68
C THR A 154 17.33 -8.85 -14.52
N LYS A 155 18.24 -9.05 -13.58
CA LYS A 155 18.74 -10.38 -13.25
C LYS A 155 18.14 -10.89 -11.95
N ARG A 156 17.19 -10.11 -11.39
CA ARG A 156 16.58 -10.46 -10.11
C ARG A 156 15.55 -11.59 -10.26
N SER A 157 15.14 -12.15 -9.13
CA SER A 157 14.07 -13.15 -9.12
C SER A 157 12.76 -12.47 -9.51
N VAL A 158 11.79 -13.26 -9.95
CA VAL A 158 10.50 -12.69 -10.32
C VAL A 158 9.81 -12.09 -9.11
N LYS A 159 10.01 -12.70 -7.94
CA LYS A 159 9.44 -12.18 -6.70
C LYS A 159 10.00 -10.80 -6.37
N ALA A 160 11.32 -10.64 -6.53
CA ALA A 160 11.96 -9.35 -6.32
C ALA A 160 11.38 -8.32 -7.28
N LEU A 161 11.16 -8.74 -8.52
CA LEU A 161 10.59 -7.83 -9.52
C LEU A 161 9.24 -7.30 -9.08
N LEU A 162 8.33 -8.20 -8.69
CA LEU A 162 6.98 -7.79 -8.32
C LEU A 162 6.95 -6.98 -7.02
N LEU A 163 7.99 -7.13 -6.20
CA LEU A 163 8.04 -6.38 -4.95
C LEU A 163 8.58 -4.97 -5.16
N ASP A 164 8.99 -4.67 -6.38
CA ASP A 164 9.59 -3.38 -6.70
C ASP A 164 8.48 -2.34 -6.95
N CYS A 165 8.42 -1.33 -6.08
CA CYS A 165 7.35 -0.33 -6.18
C CYS A 165 7.36 0.47 -7.48
N THR A 166 8.50 0.48 -8.18
CA THR A 166 8.56 1.19 -9.46
C THR A 166 7.99 0.37 -10.61
N VAL A 167 7.88 -0.94 -10.40
CA VAL A 167 7.31 -1.83 -11.41
C VAL A 167 5.79 -1.74 -11.39
N VAL A 168 5.23 -1.83 -10.19
CA VAL A 168 3.78 -1.80 -10.02
C VAL A 168 3.50 -1.33 -8.60
N ALA A 169 2.45 -0.53 -8.43
CA ALA A 169 2.22 0.18 -7.17
C ALA A 169 1.57 -0.67 -6.07
N GLY A 170 2.27 -0.81 -4.95
CA GLY A 170 1.68 -1.35 -3.73
C GLY A 170 1.30 -2.83 -3.73
N PHE A 171 2.01 -3.63 -4.52
CA PHE A 171 1.79 -5.08 -4.53
C PHE A 171 2.58 -5.71 -3.39
N GLY A 172 1.88 -6.12 -2.35
CA GLY A 172 2.54 -6.62 -1.15
C GLY A 172 3.03 -8.06 -1.23
N ASN A 173 3.76 -8.47 -0.20
CA ASN A 173 4.32 -9.81 -0.10
C ASN A 173 3.25 -10.90 -0.25
N ILE A 174 2.15 -10.72 0.45
CA ILE A 174 1.06 -11.69 0.39
C ILE A 174 0.54 -11.89 -1.02
N TYR A 175 0.26 -10.79 -1.70
CA TYR A 175 -0.33 -10.88 -3.05
C TYR A 175 0.68 -11.35 -4.08
N VAL A 176 1.96 -11.03 -3.86
CA VAL A 176 3.01 -11.57 -4.72
C VAL A 176 3.04 -13.11 -4.64
N ASP A 177 3.08 -13.65 -3.43
CA ASP A 177 3.09 -15.11 -3.25
C ASP A 177 1.83 -15.77 -3.80
N GLU A 178 0.67 -15.17 -3.54
CA GLU A 178 -0.58 -15.72 -4.03
C GLU A 178 -0.68 -15.70 -5.54
N SER A 179 -0.23 -14.60 -6.15
CA SER A 179 -0.29 -14.43 -7.60
C SER A 179 0.64 -15.41 -8.32
N LEU A 180 1.84 -15.58 -7.79
CA LEU A 180 2.82 -16.50 -8.36
C LEU A 180 2.32 -17.95 -8.25
N PHE A 181 1.67 -18.28 -7.14
CA PHE A 181 1.08 -19.62 -7.03
C PHE A 181 0.01 -19.79 -8.11
N ARG A 182 -0.89 -18.81 -8.20
CA ARG A 182 -1.97 -18.88 -9.16
C ARG A 182 -1.48 -18.89 -10.61
N ALA A 183 -0.30 -18.31 -10.84
CA ALA A 183 0.30 -18.29 -12.16
C ALA A 183 1.19 -19.52 -12.41
N GLY A 184 1.40 -20.34 -11.37
CA GLY A 184 2.21 -21.53 -11.47
C GLY A 184 3.70 -21.26 -11.66
N ILE A 185 4.18 -20.16 -11.07
CA ILE A 185 5.56 -19.73 -11.24
C ILE A 185 6.32 -19.71 -9.90
N LEU A 186 7.48 -20.37 -9.85
CA LEU A 186 8.30 -20.34 -8.65
C LEU A 186 8.81 -18.93 -8.38
N PRO A 187 8.71 -18.49 -7.12
CA PRO A 187 9.11 -17.13 -6.76
C PRO A 187 10.62 -16.90 -6.96
N GLY A 188 11.41 -17.97 -6.90
CA GLY A 188 12.85 -17.86 -7.07
C GLY A 188 13.34 -17.81 -8.51
N ARG A 189 12.44 -18.06 -9.45
CA ARG A 189 12.76 -17.97 -10.86
C ARG A 189 13.37 -16.62 -11.21
N PRO A 190 14.46 -16.61 -11.99
CA PRO A 190 14.93 -15.32 -12.51
C PRO A 190 13.85 -14.67 -13.35
N ALA A 191 13.60 -13.38 -13.14
CA ALA A 191 12.56 -12.68 -13.89
C ALA A 191 12.77 -12.83 -15.40
N ALA A 192 14.04 -12.82 -15.82
CA ALA A 192 14.37 -12.90 -17.23
C ALA A 192 14.11 -14.28 -17.81
N SER A 193 13.88 -15.26 -16.94
CA SER A 193 13.65 -16.64 -17.39
C SER A 193 12.19 -16.90 -17.75
N LEU A 194 11.32 -15.94 -17.42
CA LEU A 194 9.90 -16.09 -17.71
C LEU A 194 9.60 -15.95 -19.20
N SER A 195 8.85 -16.89 -19.75
CA SER A 195 8.41 -16.81 -21.12
C SER A 195 7.33 -15.74 -21.27
N SER A 196 7.00 -15.40 -22.51
CA SER A 196 5.93 -14.46 -22.80
C SER A 196 4.62 -14.99 -22.25
N LYS A 197 4.44 -16.30 -22.36
CA LYS A 197 3.26 -16.98 -21.86
C LYS A 197 3.14 -16.82 -20.35
N GLU A 198 4.26 -17.02 -19.65
CA GLU A 198 4.27 -16.92 -18.19
C GLU A 198 4.03 -15.48 -17.75
N ILE A 199 4.59 -14.53 -18.49
CA ILE A 199 4.41 -13.11 -18.18
C ILE A 199 2.95 -12.69 -18.27
N GLU A 200 2.29 -13.10 -19.37
CA GLU A 200 0.86 -12.80 -19.53
C GLU A 200 0.04 -13.46 -18.43
N ARG A 201 0.33 -14.73 -18.15
CA ARG A 201 -0.37 -15.45 -17.11
C ARG A 201 -0.19 -14.75 -15.76
N LEU A 202 1.03 -14.30 -15.49
CA LEU A 202 1.35 -13.64 -14.23
C LEU A 202 0.60 -12.31 -14.11
N HIS A 203 0.62 -11.52 -15.16
CA HIS A 203 -0.12 -10.26 -15.17
C HIS A 203 -1.60 -10.53 -14.91
N GLU A 204 -2.13 -11.54 -15.59
CA GLU A 204 -3.53 -11.91 -15.45
C GLU A 204 -3.91 -12.28 -14.02
N GLU A 205 -3.07 -13.09 -13.38
CA GLU A 205 -3.33 -13.52 -12.00
C GLU A 205 -3.13 -12.38 -11.01
N MET A 206 -2.15 -11.53 -11.27
CA MET A 206 -1.93 -10.34 -10.42
C MET A 206 -3.17 -9.46 -10.38
N VAL A 207 -3.74 -9.20 -11.56
CA VAL A 207 -4.92 -8.36 -11.65
C VAL A 207 -6.11 -9.04 -10.97
N ALA A 208 -6.24 -10.35 -11.19
CA ALA A 208 -7.36 -11.09 -10.64
C ALA A 208 -7.27 -11.16 -9.13
N THR A 209 -6.07 -11.41 -8.61
CA THR A 209 -5.85 -11.54 -7.19
C THR A 209 -6.18 -10.23 -6.47
N ILE A 210 -5.60 -9.14 -6.95
CA ILE A 210 -5.82 -7.83 -6.34
C ILE A 210 -7.24 -7.35 -6.62
N GLY A 211 -7.74 -7.63 -7.82
CA GLY A 211 -9.07 -7.21 -8.24
C GLY A 211 -10.17 -7.83 -7.40
N GLU A 212 -10.11 -9.15 -7.24
CA GLU A 212 -11.06 -9.87 -6.39
C GLU A 212 -11.06 -9.34 -4.97
N ALA A 213 -9.86 -9.14 -4.42
CA ALA A 213 -9.74 -8.65 -3.05
C ALA A 213 -10.37 -7.27 -2.90
N VAL A 214 -10.17 -6.40 -3.88
CA VAL A 214 -10.74 -5.05 -3.84
C VAL A 214 -12.26 -5.09 -3.82
N MET A 215 -12.83 -6.01 -4.60
CA MET A 215 -14.27 -6.20 -4.63
C MET A 215 -14.76 -6.98 -3.43
N HIS A 237 -9.54 -16.14 1.24
CA HIS A 237 -8.82 -17.38 1.53
C HIS A 237 -7.54 -17.50 0.71
N LEU A 238 -6.48 -17.99 1.35
CA LEU A 238 -5.16 -18.02 0.73
C LEU A 238 -4.77 -19.42 0.25
N TYR A 239 -3.99 -19.47 -0.82
CA TYR A 239 -3.48 -20.73 -1.34
C TYR A 239 -2.17 -21.13 -0.68
N VAL A 240 -1.29 -20.15 -0.45
CA VAL A 240 0.04 -20.46 0.04
C VAL A 240 0.48 -19.62 1.24
N TYR A 241 0.12 -18.34 1.26
CA TYR A 241 0.67 -17.46 2.28
C TYR A 241 0.32 -17.93 3.69
N GLY A 242 1.35 -18.15 4.50
CA GLY A 242 1.17 -18.58 5.88
C GLY A 242 0.70 -20.00 6.05
N ARG A 243 0.69 -20.77 4.97
CA ARG A 243 0.16 -22.13 5.01
C ARG A 243 1.24 -23.22 4.99
N GLN A 244 2.49 -22.85 5.25
CA GLN A 244 3.59 -23.80 5.21
C GLN A 244 3.31 -25.01 6.10
N GLY A 245 3.68 -26.19 5.61
CA GLY A 245 3.44 -27.43 6.33
C GLY A 245 2.03 -27.96 6.12
N ASN A 246 1.18 -27.16 5.49
CA ASN A 246 -0.18 -27.59 5.20
C ASN A 246 -0.34 -27.99 3.74
N PRO A 247 -1.29 -28.88 3.46
CA PRO A 247 -1.45 -29.37 2.09
C PRO A 247 -1.90 -28.28 1.14
N CYS A 248 -1.30 -28.25 -0.04
CA CYS A 248 -1.74 -27.37 -1.11
C CYS A 248 -3.20 -27.67 -1.40
N LYS A 249 -3.98 -26.62 -1.61
CA LYS A 249 -5.40 -26.75 -1.86
C LYS A 249 -5.70 -27.28 -3.26
N ARG A 250 -4.68 -27.26 -4.13
N ARG A 250 -4.68 -27.24 -4.12
CA ARG A 250 -4.88 -27.74 -5.50
CA ARG A 250 -4.83 -27.69 -5.51
C ARG A 250 -4.30 -29.12 -5.77
C ARG A 250 -4.33 -29.12 -5.71
N CYS A 251 -3.22 -29.48 -5.07
CA CYS A 251 -2.57 -30.76 -5.32
C CYS A 251 -2.24 -31.59 -4.08
N GLY A 252 -2.38 -30.99 -2.89
CA GLY A 252 -2.17 -31.73 -1.65
C GLY A 252 -0.73 -31.82 -1.18
N THR A 253 0.21 -31.31 -1.96
CA THR A 253 1.62 -31.26 -1.56
C THR A 253 1.80 -30.24 -0.45
N PRO A 254 2.59 -30.58 0.59
CA PRO A 254 2.83 -29.61 1.67
C PRO A 254 3.39 -28.31 1.13
N ILE A 255 2.76 -27.19 1.51
CA ILE A 255 3.29 -25.89 1.15
C ILE A 255 4.61 -25.68 1.89
N GLU A 256 5.58 -25.13 1.19
CA GLU A 256 6.87 -24.87 1.79
C GLU A 256 7.12 -23.38 1.94
N LYS A 257 8.01 -23.04 2.86
CA LYS A 257 8.37 -21.65 3.09
C LYS A 257 9.88 -21.52 3.12
N THR A 258 10.39 -20.54 2.38
CA THR A 258 11.80 -20.21 2.41
C THR A 258 11.95 -18.69 2.42
N VAL A 259 13.16 -18.21 2.15
CA VAL A 259 13.39 -16.78 2.04
C VAL A 259 13.80 -16.44 0.62
N VAL A 260 13.06 -15.52 0.01
CA VAL A 260 13.36 -15.03 -1.34
C VAL A 260 13.22 -13.52 -1.36
N ALA A 261 14.17 -12.84 -1.97
CA ALA A 261 14.16 -11.38 -2.04
C ALA A 261 14.05 -10.77 -0.64
N GLY A 262 14.54 -11.50 0.36
CA GLY A 262 14.54 -11.03 1.73
C GLY A 262 13.20 -11.10 2.44
N ARG A 263 12.28 -11.90 1.90
CA ARG A 263 10.95 -12.03 2.50
C ARG A 263 10.61 -13.48 2.83
N GLY A 264 9.65 -13.65 3.73
CA GLY A 264 9.02 -14.95 3.90
C GLY A 264 8.36 -15.28 2.57
N THR A 265 8.66 -16.47 2.04
CA THR A 265 8.19 -16.84 0.71
C THR A 265 7.53 -18.22 0.73
N HIS A 266 6.26 -18.26 0.34
CA HIS A 266 5.45 -19.47 0.43
C HIS A 266 5.08 -19.94 -0.96
N TYR A 267 5.18 -21.25 -1.19
CA TYR A 267 4.91 -21.78 -2.52
C TYR A 267 4.63 -23.28 -2.47
N CYS A 268 3.97 -23.76 -3.52
CA CYS A 268 3.82 -25.20 -3.70
C CYS A 268 4.87 -25.65 -4.70
N PRO A 269 5.75 -26.57 -4.28
CA PRO A 269 6.84 -27.03 -5.14
C PRO A 269 6.34 -27.91 -6.29
N ARG A 270 5.08 -28.29 -6.27
CA ARG A 270 4.52 -29.07 -7.39
C ARG A 270 3.77 -28.18 -8.39
N CYS A 271 2.88 -27.32 -7.87
CA CYS A 271 2.10 -26.42 -8.72
C CYS A 271 2.94 -25.35 -9.39
N GLN A 272 4.00 -24.92 -8.71
CA GLN A 272 4.83 -23.85 -9.25
C GLN A 272 6.13 -24.37 -9.80
N ARG A 273 6.52 -23.83 -10.95
CA ARG A 273 7.70 -24.31 -11.67
C ARG A 273 8.59 -23.15 -12.10
P 8OG C 9 8.03 -11.28 6.13
OP1 8OG C 9 7.04 -12.37 5.99
OP2 8OG C 9 9.40 -11.47 5.59
O5' 8OG C 9 7.44 -9.92 5.48
C5' 8OG C 9 6.08 -9.55 5.67
C4' 8OG C 9 5.92 -8.06 5.91
O4' 8OG C 9 6.76 -7.66 7.02
C3' 8OG C 9 6.33 -7.10 4.79
O3' 8OG C 9 5.23 -6.94 3.90
C2' 8OG C 9 6.62 -5.81 5.53
C1' 8OG C 9 6.96 -6.26 6.96
N9 8OG C 9 8.32 -5.97 7.37
C8 8OG C 9 9.49 -6.25 6.69
N7 8OG C 9 10.51 -5.82 7.39
C5 8OG C 9 10.03 -5.25 8.56
C6 8OG C 9 10.69 -4.64 9.66
O6 8OG C 9 11.90 -4.48 9.84
N1 8OG C 9 9.77 -4.21 10.61
C2 8OG C 9 8.40 -4.35 10.52
N2 8OG C 9 7.66 -3.86 11.54
N3 8OG C 9 7.79 -4.91 9.49
C4 8OG C 9 8.66 -5.35 8.55
O8 8OG C 9 9.53 -6.81 5.59
P CX2 C 12 9.33 5.12 -1.39
S CX2 C 12 8.51 3.39 -5.89
N1 CX2 C 12 13.43 3.98 1.40
C2 CX2 C 12 14.35 3.40 2.29
O2 CX2 C 12 14.75 4.01 3.27
N3 CX2 C 12 14.81 2.10 2.03
C4 CX2 C 12 14.36 1.40 0.91
N4 CX2 C 12 14.79 0.17 0.69
C5 CX2 C 12 13.44 1.98 0.05
C6 CX2 C 12 12.97 3.28 0.29
C1' CX2 C 12 12.95 5.34 1.68
C2' CX2 C 12 13.71 6.37 0.83
C3' CX2 C 12 12.62 7.27 0.26
O3' CX2 C 12 12.96 8.63 0.55
C4' CX2 C 12 11.39 6.84 1.07
N4' CX2 C 12 8.12 5.40 -2.41
O4' CX2 C 12 11.59 5.44 1.23
C5' CX2 C 12 10.07 7.04 0.32
O5' CX2 C 12 10.15 6.46 -0.98
C7' CX2 C 12 8.43 5.27 -3.84
C8' CX2 C 12 7.72 4.03 -4.37
OP1 CX2 C 12 10.28 4.26 -2.10
ZN ZN D . 0.11 -27.58 -5.33
#